data_8QE1
#
_entry.id   8QE1
#
_cell.length_a   68.422
_cell.length_b   93.877
_cell.length_c   116.609
_cell.angle_alpha   90.00
_cell.angle_beta   90.00
_cell.angle_gamma   90.00
#
_symmetry.space_group_name_H-M   'I 2 2 2'
#
loop_
_entity.id
_entity.type
_entity.pdbx_description
1 polymer 'S-adenosylmethionine synthase isoform type-2'
2 non-polymer 4-[4-[bis(fluoranyl)methoxy]phenyl]-3-cyclopropyl-6-(4-methoxyphenyl)-2~{H}-pyrazolo[4,3-b]pyridin-5-one
3 non-polymer S-ADENOSYLMETHIONINE
4 water water
#
_entity_poly.entity_id   1
_entity_poly.type   'polypeptide(L)'
_entity_poly.pdbx_seq_one_letter_code
;QSMNGQLNGFHEAFIEEGTFLFTSESVGEGHPDKICDQISDAVLDAHLQQDPDAKVACETVAKTGMILLAGEITSRAAVD
YQKVVREAVKHIGYDDSSKGFDYKTCNVLVALEQQSPDIAQGVHLDRNEEDIGAGDQGLMFGYATDETEECMPLTIVLAH
KLNAKLAELRRNGTLPWLRPDSKTQVTVQYMQDRGAVLPIRVHTIVISVQHDEEVCLDEMRDALKEKVIKAVVPAKYLDE
DTIYHLQPSGRFVIGGPQGDAGLTGRKIIVDTYGGWGAHGGGAFSGKDYTKVDRSAAYAARWVAKSLVKGGLCRRVLVQV
SYAIGVSHPLSISIFHYGTSQKSERELLEIVKKNFDLRPGVIVRDLDLKKPIYQRTAAYGHFGRDSFPWEVPKKLKY
;
_entity_poly.pdbx_strand_id   A
#
loop_
_chem_comp.id
_chem_comp.type
_chem_comp.name
_chem_comp.formula
SAM non-polymer S-ADENOSYLMETHIONINE 'C15 H22 N6 O5 S'
U8E non-polymer 4-[4-[bis(fluoranyl)methoxy]phenyl]-3-cyclopropyl-6-(4-methoxyphenyl)-2~{H}-pyrazolo[4,3-b]pyridin-5-one 'C23 H19 F2 N3 O3'
#
# COMPACT_ATOMS: atom_id res chain seq x y z
N GLU A 17 1.75 -32.57 7.23
CA GLU A 17 1.01 -32.16 8.42
C GLU A 17 1.65 -30.93 9.04
N GLY A 18 0.83 -29.99 9.47
CA GLY A 18 1.34 -28.78 10.08
C GLY A 18 1.77 -27.74 9.07
N THR A 19 1.51 -27.97 7.77
CA THR A 19 1.80 -26.99 6.72
C THR A 19 0.54 -26.50 6.06
N PHE A 20 0.60 -25.33 5.42
CA PHE A 20 -0.53 -24.80 4.70
C PHE A 20 -0.04 -23.86 3.61
N LEU A 21 -0.92 -23.58 2.64
CA LEU A 21 -0.59 -22.63 1.59
C LEU A 21 -1.20 -21.27 1.89
N PHE A 22 -0.54 -20.22 1.43
CA PHE A 22 -1.11 -18.88 1.49
C PHE A 22 -0.68 -18.14 0.24
N THR A 23 -1.61 -17.40 -0.34
CA THR A 23 -1.35 -16.64 -1.57
C THR A 23 -1.56 -15.15 -1.33
N SER A 24 -0.65 -14.34 -1.87
CA SER A 24 -0.82 -12.89 -1.93
C SER A 24 -0.50 -12.37 -3.33
N GLU A 25 -1.03 -11.20 -3.67
CA GLU A 25 -0.72 -10.59 -4.96
C GLU A 25 -0.16 -9.19 -4.77
N SER A 26 0.42 -8.68 -5.84
CA SER A 26 0.83 -7.30 -5.91
C SER A 26 0.62 -6.81 -7.35
N VAL A 27 0.70 -5.49 -7.55
CA VAL A 27 0.55 -4.91 -8.87
C VAL A 27 1.63 -3.88 -9.11
N GLY A 28 1.87 -3.59 -10.37
CA GLY A 28 2.88 -2.62 -10.74
C GLY A 28 2.39 -1.19 -10.72
N GLU A 29 3.32 -0.28 -10.92
CA GLU A 29 3.04 1.16 -10.92
C GLU A 29 2.05 1.56 -11.99
N GLY A 30 2.01 0.83 -13.11
CA GLY A 30 1.09 1.16 -14.17
C GLY A 30 -0.20 0.41 -14.17
N HIS A 31 -0.44 -0.43 -13.14
CA HIS A 31 -1.75 -1.05 -12.99
C HIS A 31 -2.76 0.11 -12.79
N PRO A 32 -3.90 0.12 -13.47
CA PRO A 32 -4.75 1.33 -13.44
C PRO A 32 -5.22 1.76 -12.07
N ASP A 33 -5.50 0.83 -11.17
CA ASP A 33 -5.87 1.20 -9.80
C ASP A 33 -4.69 1.87 -9.10
N LYS A 34 -3.50 1.31 -9.28
CA LYS A 34 -2.32 1.89 -8.69
C LYS A 34 -1.97 3.24 -9.28
N ILE A 35 -2.23 3.46 -10.58
CA ILE A 35 -2.04 4.79 -11.17
C ILE A 35 -2.86 5.80 -10.35
N CYS A 36 -4.13 5.43 -10.08
CA CYS A 36 -5.01 6.31 -9.34
C CYS A 36 -4.49 6.60 -7.93
N ASP A 37 -4.02 5.58 -7.22
CA ASP A 37 -3.46 5.79 -5.89
C ASP A 37 -2.27 6.76 -5.95
N GLN A 38 -1.38 6.56 -6.92
CA GLN A 38 -0.22 7.42 -7.04
C GLN A 38 -0.61 8.86 -7.38
N ILE A 39 -1.59 9.07 -8.27
CA ILE A 39 -2.02 10.42 -8.60
C ILE A 39 -2.68 11.06 -7.39
N SER A 40 -3.56 10.33 -6.69
CA SER A 40 -4.19 10.88 -5.50
C SER A 40 -3.15 11.35 -4.47
N ASP A 41 -2.08 10.55 -4.29
CA ASP A 41 -1.04 10.94 -3.35
C ASP A 41 -0.12 12.02 -3.89
N ALA A 42 0.04 12.11 -5.23
CA ALA A 42 0.78 13.23 -5.81
C ALA A 42 0.02 14.55 -5.53
N VAL A 43 -1.30 14.52 -5.63
CA VAL A 43 -2.12 15.69 -5.35
C VAL A 43 -2.02 16.04 -3.86
N LEU A 44 -2.11 15.04 -2.96
CA LEU A 44 -1.95 15.28 -1.54
C LEU A 44 -0.59 15.92 -1.23
N ASP A 45 0.48 15.36 -1.79
CA ASP A 45 1.82 15.89 -1.54
C ASP A 45 1.95 17.31 -2.06
N ALA A 46 1.35 17.59 -3.24
CA ALA A 46 1.43 18.95 -3.79
C ALA A 46 0.80 19.96 -2.83
N HIS A 47 -0.34 19.59 -2.26
CA HIS A 47 -0.97 20.47 -1.28
C HIS A 47 -0.12 20.62 -0.03
N LEU A 48 0.38 19.51 0.51
CA LEU A 48 1.16 19.55 1.77
C LEU A 48 2.46 20.32 1.63
N GLN A 49 3.03 20.35 0.42
CA GLN A 49 4.25 21.12 0.18
C GLN A 49 4.03 22.62 0.46
N GLN A 50 2.80 23.11 0.28
CA GLN A 50 2.49 24.51 0.52
C GLN A 50 1.68 24.76 1.78
N ASP A 51 0.85 23.81 2.16
CA ASP A 51 -0.04 23.95 3.30
C ASP A 51 -0.02 22.65 4.08
N PRO A 52 0.80 22.58 5.14
CA PRO A 52 0.87 21.34 5.93
C PRO A 52 -0.46 20.90 6.53
N ASP A 53 -1.40 21.84 6.69
CA ASP A 53 -2.71 21.55 7.25
C ASP A 53 -3.81 21.40 6.22
N ALA A 54 -3.44 21.14 4.95
CA ALA A 54 -4.45 20.92 3.91
C ALA A 54 -5.36 19.74 4.29
N LYS A 55 -6.66 19.89 4.03
CA LYS A 55 -7.65 18.84 4.21
C LYS A 55 -7.90 18.28 2.83
N VAL A 56 -7.51 17.03 2.58
CA VAL A 56 -7.51 16.44 1.26
C VAL A 56 -8.21 15.12 1.28
N ALA A 57 -9.11 14.92 0.31
CA ALA A 57 -9.84 13.67 0.10
C ALA A 57 -10.01 13.53 -1.41
N CYS A 58 -8.90 13.19 -2.08
CA CYS A 58 -8.83 13.19 -3.54
C CYS A 58 -8.94 11.81 -4.12
N GLU A 59 -10.04 11.48 -4.76
CA GLU A 59 -10.19 10.23 -5.46
C GLU A 59 -9.80 10.44 -6.94
N THR A 60 -9.22 9.44 -7.55
CA THR A 60 -8.85 9.49 -8.96
C THR A 60 -9.51 8.31 -9.66
N VAL A 61 -9.96 8.56 -10.90
CA VAL A 61 -10.51 7.53 -11.78
C VAL A 61 -9.73 7.58 -13.07
N ALA A 62 -9.39 6.43 -13.60
CA ALA A 62 -8.65 6.36 -14.85
C ALA A 62 -9.34 5.43 -15.82
N LYS A 63 -9.52 5.88 -17.04
CA LYS A 63 -10.05 5.02 -18.11
C LYS A 63 -9.35 5.50 -19.37
N THR A 64 -9.54 4.87 -20.51
CA THR A 64 -8.88 5.27 -21.75
C THR A 64 -8.84 6.78 -21.93
N GLY A 65 -7.64 7.33 -21.97
CA GLY A 65 -7.43 8.75 -22.21
C GLY A 65 -7.88 9.70 -21.14
N MET A 66 -8.25 9.22 -19.94
CA MET A 66 -8.83 10.09 -18.94
C MET A 66 -8.31 9.86 -17.56
N ILE A 67 -7.94 10.95 -16.88
CA ILE A 67 -7.74 10.99 -15.44
C ILE A 67 -8.79 11.97 -14.93
N LEU A 68 -9.68 11.54 -14.04
CA LEU A 68 -10.63 12.40 -13.39
C LEU A 68 -10.29 12.46 -11.91
N LEU A 69 -10.21 13.66 -11.37
CA LEU A 69 -10.05 13.89 -9.93
C LEU A 69 -11.41 14.26 -9.36
N ALA A 70 -11.88 13.57 -8.34
CA ALA A 70 -13.17 13.84 -7.72
C ALA A 70 -12.99 13.80 -6.22
N GLY A 71 -13.54 14.76 -5.50
CA GLY A 71 -13.37 14.78 -4.06
C GLY A 71 -13.40 16.16 -3.50
N GLU A 72 -12.78 16.28 -2.33
CA GLU A 72 -12.89 17.45 -1.51
C GLU A 72 -11.56 17.88 -0.97
N ILE A 73 -11.18 19.12 -1.23
CA ILE A 73 -9.93 19.69 -0.73
C ILE A 73 -10.19 21.08 -0.22
N THR A 74 -9.74 21.36 1.02
CA THR A 74 -9.73 22.71 1.55
C THR A 74 -8.28 22.98 1.92
N SER A 75 -7.66 23.95 1.26
CA SER A 75 -6.24 24.17 1.38
C SER A 75 -5.88 25.58 0.97
N ARG A 76 -4.80 26.11 1.54
CA ARG A 76 -4.29 27.40 1.12
C ARG A 76 -3.31 27.26 -0.05
N ALA A 77 -2.98 26.03 -0.49
CA ALA A 77 -2.05 25.85 -1.58
C ALA A 77 -2.65 26.26 -2.92
N ALA A 78 -1.79 26.64 -3.86
CA ALA A 78 -2.21 26.90 -5.25
C ALA A 78 -1.58 25.74 -6.05
N VAL A 79 -2.40 24.74 -6.40
CA VAL A 79 -1.90 23.55 -7.07
C VAL A 79 -2.35 23.49 -8.52
N ASP A 80 -1.42 23.23 -9.41
CA ASP A 80 -1.70 23.08 -10.84
C ASP A 80 -2.00 21.61 -11.07
N TYR A 81 -3.29 21.23 -11.01
CA TYR A 81 -3.67 19.83 -11.15
C TYR A 81 -3.24 19.21 -12.46
N GLN A 82 -3.29 19.97 -13.57
CA GLN A 82 -2.87 19.44 -14.86
C GLN A 82 -1.42 19.00 -14.79
N LYS A 83 -0.55 19.84 -14.25
CA LYS A 83 0.85 19.53 -14.16
C LYS A 83 1.13 18.38 -13.19
N VAL A 84 0.50 18.40 -12.01
CA VAL A 84 0.74 17.35 -11.03
C VAL A 84 0.32 15.99 -11.56
N VAL A 85 -0.87 15.91 -12.15
CA VAL A 85 -1.34 14.65 -12.71
C VAL A 85 -0.44 14.16 -13.82
N ARG A 86 -0.12 15.02 -14.77
CA ARG A 86 0.67 14.60 -15.92
C ARG A 86 2.07 14.17 -15.51
N GLU A 87 2.67 14.85 -14.53
CA GLU A 87 4.00 14.47 -14.06
C GLU A 87 3.95 13.08 -13.40
N ALA A 88 2.89 12.78 -12.66
CA ALA A 88 2.80 11.46 -12.03
C ALA A 88 2.70 10.36 -13.10
N VAL A 89 1.89 10.59 -14.15
CA VAL A 89 1.73 9.62 -15.23
C VAL A 89 3.03 9.44 -16.00
N LYS A 90 3.77 10.53 -16.23
CA LYS A 90 5.07 10.48 -16.87
C LYS A 90 6.03 9.59 -16.05
N HIS A 91 6.07 9.77 -14.74
CA HIS A 91 6.94 8.97 -13.88
C HIS A 91 6.65 7.46 -14.00
N ILE A 92 5.36 7.13 -14.06
CA ILE A 92 4.92 5.74 -14.19
C ILE A 92 5.40 5.13 -15.49
N GLY A 93 5.46 5.93 -16.56
CA GLY A 93 5.98 5.46 -17.83
C GLY A 93 5.01 5.50 -18.98
N TYR A 94 3.80 6.05 -18.78
CA TYR A 94 2.82 6.12 -19.87
C TYR A 94 3.05 7.41 -20.65
N ASP A 95 3.88 7.31 -21.68
CA ASP A 95 4.34 8.49 -22.41
C ASP A 95 4.19 8.37 -23.92
N ASP A 96 3.30 7.52 -24.40
CA ASP A 96 3.12 7.40 -25.82
C ASP A 96 1.85 6.64 -26.11
N SER A 97 1.15 7.05 -27.15
CA SER A 97 -0.09 6.38 -27.52
C SER A 97 0.13 4.89 -27.86
N SER A 98 1.35 4.51 -28.30
CA SER A 98 1.62 3.09 -28.56
C SER A 98 1.49 2.24 -27.31
N LYS A 99 1.72 2.83 -26.11
CA LYS A 99 1.63 2.13 -24.83
C LYS A 99 0.21 2.12 -24.27
N GLY A 100 -0.71 2.82 -24.93
CA GLY A 100 -2.10 2.86 -24.53
C GLY A 100 -2.50 4.09 -23.74
N PHE A 101 -1.53 4.92 -23.34
CA PHE A 101 -1.81 6.08 -22.50
C PHE A 101 -0.61 7.00 -22.57
N ASP A 102 -0.84 8.30 -22.59
CA ASP A 102 0.22 9.28 -22.72
C ASP A 102 -0.07 10.47 -21.84
N TYR A 103 0.84 10.77 -20.88
CA TYR A 103 0.67 11.93 -20.02
C TYR A 103 0.58 13.24 -20.80
N LYS A 104 1.22 13.31 -21.95
CA LYS A 104 1.24 14.58 -22.68
C LYS A 104 -0.13 14.92 -23.26
N THR A 105 -0.91 13.90 -23.65
CA THR A 105 -2.11 14.11 -24.45
C THR A 105 -3.39 13.58 -23.84
N CYS A 106 -3.34 12.99 -22.65
CA CYS A 106 -4.57 12.52 -22.01
C CYS A 106 -5.43 13.70 -21.54
N ASN A 107 -6.71 13.41 -21.28
CA ASN A 107 -7.65 14.33 -20.68
C ASN A 107 -7.47 14.28 -19.16
N VAL A 108 -7.39 15.45 -18.54
CA VAL A 108 -7.39 15.57 -17.09
C VAL A 108 -8.60 16.42 -16.75
N LEU A 109 -9.55 15.82 -16.04
CA LEU A 109 -10.79 16.47 -15.63
C LEU A 109 -10.81 16.62 -14.14
N VAL A 110 -11.29 17.76 -13.64
CA VAL A 110 -11.26 18.03 -12.21
C VAL A 110 -12.66 18.35 -11.68
N ALA A 111 -13.12 17.58 -10.68
CA ALA A 111 -14.39 17.75 -10.01
C ALA A 111 -14.10 17.81 -8.51
N LEU A 112 -13.39 18.85 -8.09
CA LEU A 112 -12.96 19.00 -6.71
C LEU A 112 -13.65 20.16 -6.09
N GLU A 113 -14.24 19.94 -4.91
CA GLU A 113 -14.91 20.98 -4.16
C GLU A 113 -14.23 21.15 -2.81
N GLN A 114 -14.65 22.13 -2.03
CA GLN A 114 -14.13 22.27 -0.67
C GLN A 114 -14.64 21.11 0.19
N GLN A 115 -13.94 20.85 1.30
CA GLN A 115 -14.45 19.93 2.30
C GLN A 115 -15.80 20.41 2.81
N SER A 116 -16.72 19.49 3.04
CA SER A 116 -18.02 19.81 3.60
C SER A 116 -17.85 20.62 4.89
N PRO A 117 -18.47 21.79 5.02
CA PRO A 117 -18.35 22.53 6.27
C PRO A 117 -18.95 21.75 7.45
N ASP A 118 -19.90 20.83 7.20
CA ASP A 118 -20.47 20.04 8.29
C ASP A 118 -19.42 19.08 8.84
N ILE A 119 -18.60 18.49 7.95
CA ILE A 119 -17.51 17.64 8.41
C ILE A 119 -16.47 18.51 9.13
N ALA A 120 -16.08 19.64 8.52
CA ALA A 120 -15.05 20.47 9.11
C ALA A 120 -15.40 20.91 10.54
N GLN A 121 -16.64 21.34 10.75
CA GLN A 121 -17.05 21.79 12.07
C GLN A 121 -17.07 20.67 13.09
N GLY A 122 -17.36 19.46 12.65
CA GLY A 122 -17.43 18.33 13.56
C GLY A 122 -16.11 17.67 13.85
N VAL A 123 -15.10 17.90 13.02
CA VAL A 123 -13.82 17.23 13.14
C VAL A 123 -12.71 18.12 13.67
N HIS A 124 -12.51 19.31 13.07
CA HIS A 124 -11.29 20.05 13.36
C HIS A 124 -11.45 21.52 13.61
N LEU A 125 -12.56 22.14 13.20
CA LEU A 125 -12.67 23.58 13.41
C LEU A 125 -12.69 23.95 14.88
N ASP A 126 -11.87 24.93 15.26
CA ASP A 126 -11.79 25.38 16.64
C ASP A 126 -11.42 24.28 17.61
N ARG A 127 -10.61 23.31 17.16
CA ARG A 127 -10.14 22.28 18.04
C ARG A 127 -8.64 22.35 18.19
N ASN A 128 -8.16 22.10 19.41
CA ASN A 128 -6.74 21.98 19.66
C ASN A 128 -6.20 20.81 18.81
N GLU A 129 -5.05 20.94 18.15
CA GLU A 129 -4.57 19.88 17.25
C GLU A 129 -4.57 18.50 17.89
N GLU A 130 -4.02 18.39 19.10
CA GLU A 130 -3.96 17.08 19.76
C GLU A 130 -5.34 16.48 19.99
N ASP A 131 -6.36 17.35 20.08
CA ASP A 131 -7.73 16.98 20.37
C ASP A 131 -8.66 17.02 19.18
N ILE A 132 -8.09 17.05 17.94
CA ILE A 132 -8.93 16.97 16.76
C ILE A 132 -9.67 15.64 16.75
N GLY A 133 -10.87 15.65 16.23
CA GLY A 133 -11.63 14.42 16.14
C GLY A 133 -11.14 13.57 15.01
N ALA A 134 -11.43 12.27 15.06
CA ALA A 134 -11.23 11.43 13.89
C ALA A 134 -12.04 12.01 12.71
N GLY A 135 -11.48 11.96 11.52
CA GLY A 135 -12.13 12.51 10.35
C GLY A 135 -13.31 11.69 9.83
N ASP A 136 -13.49 10.49 10.38
CA ASP A 136 -14.57 9.59 10.02
C ASP A 136 -14.62 8.52 11.10
N GLN A 137 -15.72 7.76 11.14
CA GLN A 137 -15.71 6.52 11.91
C GLN A 137 -14.90 5.49 11.11
N GLY A 138 -14.66 4.33 11.70
CA GLY A 138 -14.09 3.21 11.01
C GLY A 138 -13.27 2.33 11.90
N LEU A 139 -12.83 1.22 11.32
CA LEU A 139 -11.98 0.25 12.01
C LEU A 139 -10.73 0.09 11.16
N MET A 140 -9.62 -0.22 11.83
CA MET A 140 -8.32 -0.34 11.17
C MET A 140 -7.53 -1.41 11.88
N PHE A 141 -6.66 -2.09 11.14
CA PHE A 141 -5.81 -3.10 11.75
C PHE A 141 -4.36 -2.87 11.42
N GLY A 142 -3.51 -3.29 12.34
CA GLY A 142 -2.07 -3.37 12.14
C GLY A 142 -1.65 -4.82 12.29
N TYR A 143 -0.59 -5.22 11.60
CA TYR A 143 -0.11 -6.58 11.66
C TYR A 143 1.40 -6.58 11.53
N ALA A 144 2.02 -7.57 12.17
CA ALA A 144 3.44 -7.78 12.01
C ALA A 144 3.73 -9.24 12.24
N THR A 145 4.75 -9.74 11.52
CA THR A 145 5.17 -11.13 11.60
C THR A 145 6.68 -11.18 11.56
N ASP A 146 7.30 -11.99 12.40
CA ASP A 146 8.76 -12.11 12.43
C ASP A 146 9.34 -12.97 11.32
N GLU A 147 8.54 -13.40 10.34
CA GLU A 147 9.05 -14.29 9.30
C GLU A 147 10.06 -13.62 8.38
N THR A 148 10.06 -12.29 8.29
CA THR A 148 11.06 -11.52 7.53
C THR A 148 11.60 -10.42 8.46
N GLU A 149 12.80 -9.90 8.16
CA GLU A 149 13.40 -8.82 8.96
C GLU A 149 12.49 -7.60 9.01
N GLU A 150 11.86 -7.30 7.88
CA GLU A 150 10.95 -6.16 7.82
C GLU A 150 9.59 -6.40 8.44
N CYS A 151 9.39 -7.57 9.01
CA CYS A 151 8.18 -7.90 9.75
C CYS A 151 6.94 -7.96 8.88
N MET A 152 7.11 -8.45 7.65
CA MET A 152 6.03 -8.59 6.68
C MET A 152 5.93 -10.04 6.21
N PRO A 153 4.76 -10.44 5.74
CA PRO A 153 4.63 -11.78 5.14
C PRO A 153 5.49 -11.93 3.90
N LEU A 154 6.15 -13.09 3.76
CA LEU A 154 7.00 -13.33 2.59
C LEU A 154 6.20 -13.31 1.29
N THR A 155 4.95 -13.81 1.30
CA THR A 155 4.15 -13.81 0.08
C THR A 155 4.02 -12.44 -0.55
N ILE A 156 3.68 -11.45 0.26
CA ILE A 156 3.46 -10.11 -0.27
C ILE A 156 4.78 -9.44 -0.59
N VAL A 157 5.83 -9.65 0.22
CA VAL A 157 7.13 -9.06 -0.08
C VAL A 157 7.61 -9.53 -1.45
N LEU A 158 7.55 -10.85 -1.69
CA LEU A 158 8.00 -11.37 -2.98
C LEU A 158 7.15 -10.84 -4.11
N ALA A 159 5.82 -10.80 -3.93
CA ALA A 159 4.96 -10.30 -4.98
C ALA A 159 5.30 -8.85 -5.35
N HIS A 160 5.53 -7.99 -4.34
CA HIS A 160 5.93 -6.60 -4.62
C HIS A 160 7.26 -6.55 -5.35
N LYS A 161 8.25 -7.34 -4.88
CA LYS A 161 9.56 -7.29 -5.49
C LYS A 161 9.54 -7.74 -6.95
N LEU A 162 8.64 -8.68 -7.30
CA LEU A 162 8.54 -9.09 -8.70
C LEU A 162 8.06 -7.91 -9.56
N ASN A 163 7.07 -7.15 -9.08
CA ASN A 163 6.65 -5.97 -9.84
C ASN A 163 7.75 -4.95 -9.92
N ALA A 164 8.48 -4.72 -8.83
CA ALA A 164 9.55 -3.73 -8.84
C ALA A 164 10.64 -4.14 -9.83
N LYS A 165 10.93 -5.43 -9.93
CA LYS A 165 11.93 -5.92 -10.88
C LYS A 165 11.49 -5.67 -12.30
N LEU A 166 10.21 -5.90 -12.60
CA LEU A 166 9.69 -5.59 -13.94
C LEU A 166 9.91 -4.12 -14.26
N ALA A 167 9.56 -3.23 -13.33
CA ALA A 167 9.75 -1.80 -13.60
C ALA A 167 11.22 -1.44 -13.79
N GLU A 168 12.10 -2.08 -13.04
CA GLU A 168 13.52 -1.84 -13.15
C GLU A 168 14.03 -2.23 -14.54
N LEU A 169 13.65 -3.40 -15.01
CA LEU A 169 14.12 -3.90 -16.31
C LEU A 169 13.47 -3.16 -17.48
N ARG A 170 12.27 -2.61 -17.26
CA ARG A 170 11.65 -1.76 -18.23
C ARG A 170 12.44 -0.45 -18.30
N ARG A 171 12.68 0.19 -17.17
CA ARG A 171 13.35 1.47 -17.14
C ARG A 171 14.78 1.45 -17.57
N ASN A 172 15.49 0.33 -17.34
CA ASN A 172 16.89 0.28 -17.74
C ASN A 172 17.07 -0.24 -19.17
N GLY A 173 15.98 -0.54 -19.87
CA GLY A 173 16.06 -0.96 -21.26
C GLY A 173 16.46 -2.39 -21.49
N THR A 174 16.61 -3.21 -20.42
CA THR A 174 16.96 -4.65 -20.47
C THR A 174 15.85 -5.41 -21.25
N LEU A 175 14.59 -5.11 -20.92
CA LEU A 175 13.43 -5.77 -21.55
C LEU A 175 12.55 -4.65 -22.09
N PRO A 176 12.92 -4.11 -23.26
CA PRO A 176 12.23 -2.92 -23.75
C PRO A 176 10.81 -3.15 -24.24
N TRP A 177 10.39 -4.40 -24.34
CA TRP A 177 9.03 -4.75 -24.68
C TRP A 177 8.07 -4.62 -23.50
N LEU A 178 8.58 -4.42 -22.27
CA LEU A 178 7.72 -4.28 -21.12
C LEU A 178 7.00 -2.96 -21.12
N ARG A 179 5.77 -2.98 -20.63
CA ARG A 179 4.99 -1.79 -20.43
CA ARG A 179 4.97 -1.79 -20.41
C ARG A 179 4.67 -1.68 -18.91
N PRO A 180 4.14 -0.54 -18.43
CA PRO A 180 4.00 -0.33 -16.98
C PRO A 180 2.99 -1.18 -16.21
N ASP A 181 1.94 -1.68 -16.86
CA ASP A 181 0.89 -2.41 -16.17
C ASP A 181 1.30 -3.85 -15.91
N SER A 182 1.31 -4.27 -14.64
CA SER A 182 1.69 -5.65 -14.31
C SER A 182 0.95 -6.09 -13.07
N LYS A 183 0.84 -7.42 -12.92
CA LYS A 183 0.31 -8.06 -11.72
C LYS A 183 1.16 -9.29 -11.46
N THR A 184 1.33 -9.60 -10.17
CA THR A 184 2.06 -10.81 -9.76
C THR A 184 1.31 -11.48 -8.62
N GLN A 185 1.58 -12.76 -8.40
CA GLN A 185 0.90 -13.48 -7.34
C GLN A 185 1.82 -14.60 -6.90
N VAL A 186 1.98 -14.75 -5.58
CA VAL A 186 2.88 -15.73 -5.02
C VAL A 186 2.17 -16.56 -3.98
N THR A 187 2.27 -17.88 -4.12
CA THR A 187 1.74 -18.84 -3.16
C THR A 187 2.92 -19.49 -2.48
N VAL A 188 2.97 -19.43 -1.14
CA VAL A 188 4.01 -20.04 -0.35
C VAL A 188 3.42 -21.13 0.52
N GLN A 189 4.17 -22.22 0.68
CA GLN A 189 3.83 -23.26 1.64
C GLN A 189 4.57 -22.90 2.92
N TYR A 190 3.82 -22.81 4.03
CA TYR A 190 4.32 -22.44 5.33
C TYR A 190 4.25 -23.60 6.30
N MET A 191 5.16 -23.60 7.25
CA MET A 191 5.13 -24.51 8.38
C MET A 191 4.59 -23.72 9.59
N GLN A 192 3.63 -24.31 10.30
CA GLN A 192 3.14 -23.75 11.55
C GLN A 192 4.24 -23.86 12.61
N ASP A 193 4.42 -22.81 13.41
CA ASP A 193 5.43 -22.81 14.45
C ASP A 193 4.95 -22.07 15.68
N ARG A 194 4.15 -22.75 16.50
CA ARG A 194 3.66 -22.21 17.77
C ARG A 194 2.96 -20.86 17.61
N GLY A 195 2.17 -20.75 16.57
CA GLY A 195 1.42 -19.53 16.26
C GLY A 195 2.08 -18.68 15.21
N ALA A 196 3.41 -18.73 15.15
CA ALA A 196 4.17 -18.06 14.13
C ALA A 196 4.19 -18.94 12.86
N VAL A 197 4.72 -18.42 11.75
CA VAL A 197 4.77 -19.16 10.51
C VAL A 197 6.16 -19.11 9.92
N LEU A 198 6.57 -20.21 9.29
CA LEU A 198 7.89 -20.32 8.70
C LEU A 198 7.73 -20.68 7.23
N PRO A 199 8.22 -19.83 6.32
CA PRO A 199 8.11 -20.17 4.89
C PRO A 199 8.96 -21.39 4.56
N ILE A 200 8.44 -22.32 3.77
CA ILE A 200 9.14 -23.51 3.32
C ILE A 200 9.54 -23.39 1.86
N ARG A 201 8.59 -23.10 0.98
CA ARG A 201 8.87 -23.08 -0.45
C ARG A 201 7.81 -22.30 -1.16
N VAL A 202 8.14 -21.84 -2.35
CA VAL A 202 7.21 -21.20 -3.23
C VAL A 202 6.52 -22.26 -4.04
N HIS A 203 5.20 -22.31 -3.93
CA HIS A 203 4.37 -23.29 -4.57
C HIS A 203 3.95 -22.87 -5.98
N THR A 204 3.56 -21.59 -6.17
CA THR A 204 3.10 -21.08 -7.44
C THR A 204 3.46 -19.64 -7.58
N ILE A 205 3.86 -19.22 -8.80
CA ILE A 205 4.05 -17.81 -9.13
C ILE A 205 3.24 -17.50 -10.38
N VAL A 206 2.52 -16.38 -10.35
CA VAL A 206 1.86 -15.83 -11.51
C VAL A 206 2.52 -14.51 -11.83
N ILE A 207 2.78 -14.24 -13.12
CA ILE A 207 3.18 -12.91 -13.57
C ILE A 207 2.43 -12.61 -14.84
N SER A 208 1.75 -11.46 -14.88
CA SER A 208 1.14 -10.93 -16.10
C SER A 208 1.65 -9.53 -16.28
N VAL A 209 2.16 -9.19 -17.47
CA VAL A 209 2.67 -7.85 -17.70
C VAL A 209 2.38 -7.41 -19.11
N GLN A 210 1.95 -6.17 -19.24
CA GLN A 210 1.65 -5.58 -20.53
C GLN A 210 2.93 -5.50 -21.36
N HIS A 211 2.78 -5.71 -22.67
CA HIS A 211 3.92 -5.83 -23.55
C HIS A 211 3.64 -5.28 -24.93
N ASP A 212 4.71 -5.08 -25.70
CA ASP A 212 4.59 -4.57 -27.04
C ASP A 212 4.12 -5.62 -28.03
N GLU A 213 3.77 -5.18 -29.23
CA GLU A 213 3.24 -6.03 -30.31
C GLU A 213 4.26 -6.92 -30.98
N GLU A 214 5.55 -6.71 -30.73
CA GLU A 214 6.56 -7.46 -31.44
C GLU A 214 7.11 -8.66 -30.72
N VAL A 215 7.14 -8.66 -29.39
CA VAL A 215 7.74 -9.76 -28.67
C VAL A 215 6.82 -10.98 -28.65
N CYS A 216 7.41 -12.17 -28.78
CA CYS A 216 6.60 -13.37 -28.76
C CYS A 216 6.47 -13.94 -27.35
N LEU A 217 5.46 -14.72 -27.18
CA LEU A 217 5.14 -15.33 -25.91
C LEU A 217 6.28 -16.15 -25.31
N ASP A 218 6.98 -16.97 -26.11
CA ASP A 218 8.06 -17.77 -25.56
C ASP A 218 9.21 -16.91 -25.06
N GLU A 219 9.51 -15.83 -25.78
CA GLU A 219 10.56 -14.92 -25.35
C GLU A 219 10.17 -14.28 -24.01
N MET A 220 8.89 -13.91 -23.88
CA MET A 220 8.46 -13.30 -22.62
C MET A 220 8.53 -14.28 -21.48
N ARG A 221 8.04 -15.50 -21.69
CA ARG A 221 8.03 -16.48 -20.61
C ARG A 221 9.43 -16.82 -20.15
N ASP A 222 10.35 -16.97 -21.10
CA ASP A 222 11.74 -17.25 -20.76
C ASP A 222 12.34 -16.08 -19.95
N ALA A 223 12.12 -14.86 -20.40
CA ALA A 223 12.66 -13.69 -19.68
C ALA A 223 12.05 -13.54 -18.29
N LEU A 224 10.76 -13.82 -18.17
CA LEU A 224 10.12 -13.69 -16.85
C LEU A 224 10.68 -14.68 -15.86
N LYS A 225 11.01 -15.89 -16.32
CA LYS A 225 11.59 -16.87 -15.41
C LYS A 225 13.04 -16.50 -15.10
N GLU A 226 13.86 -16.25 -16.13
CA GLU A 226 15.28 -16.07 -15.94
C GLU A 226 15.72 -14.73 -15.41
N LYS A 227 15.11 -13.66 -15.89
CA LYS A 227 15.52 -12.31 -15.53
C LYS A 227 14.70 -11.68 -14.45
N VAL A 228 13.49 -12.20 -14.18
CA VAL A 228 12.62 -11.63 -13.18
C VAL A 228 12.56 -12.54 -11.98
N ILE A 229 11.95 -13.72 -12.10
CA ILE A 229 11.83 -14.61 -10.95
C ILE A 229 13.16 -14.98 -10.36
N LYS A 230 14.11 -15.43 -11.17
CA LYS A 230 15.41 -15.83 -10.60
C LYS A 230 16.16 -14.68 -9.99
N ALA A 231 15.90 -13.46 -10.43
CA ALA A 231 16.56 -12.28 -9.86
C ALA A 231 15.91 -11.81 -8.57
N VAL A 232 14.75 -12.38 -8.19
CA VAL A 232 14.03 -11.93 -7.02
C VAL A 232 13.87 -13.00 -5.97
N VAL A 233 13.45 -14.20 -6.37
CA VAL A 233 13.10 -15.25 -5.43
C VAL A 233 14.30 -16.12 -5.16
N PRO A 234 14.73 -16.27 -3.90
CA PRO A 234 15.87 -17.15 -3.60
C PRO A 234 15.63 -18.56 -4.13
N ALA A 235 16.67 -19.12 -4.74
CA ALA A 235 16.61 -20.46 -5.32
C ALA A 235 16.20 -21.52 -4.32
N LYS A 236 16.53 -21.32 -3.05
CA LYS A 236 16.14 -22.29 -2.02
C LYS A 236 14.63 -22.47 -1.90
N TYR A 237 13.84 -21.50 -2.35
CA TYR A 237 12.38 -21.64 -2.30
C TYR A 237 11.80 -22.26 -3.54
N LEU A 238 12.58 -22.43 -4.61
CA LEU A 238 12.05 -22.89 -5.88
C LEU A 238 12.51 -24.30 -6.13
N ASP A 239 11.61 -25.18 -6.57
CA ASP A 239 12.01 -26.55 -6.82
C ASP A 239 11.31 -27.11 -8.05
N GLU A 240 11.49 -28.41 -8.31
CA GLU A 240 10.88 -29.04 -9.48
C GLU A 240 9.36 -29.01 -9.49
N ASP A 241 8.74 -28.87 -8.32
CA ASP A 241 7.29 -28.86 -8.25
C ASP A 241 6.71 -27.46 -8.34
N THR A 242 7.53 -26.38 -8.28
CA THR A 242 6.98 -25.02 -8.34
C THR A 242 6.24 -24.80 -9.65
N ILE A 243 5.03 -24.24 -9.57
CA ILE A 243 4.21 -24.00 -10.75
C ILE A 243 4.37 -22.56 -11.18
N TYR A 244 4.58 -22.35 -12.49
CA TYR A 244 4.73 -21.03 -13.04
C TYR A 244 3.63 -20.73 -14.01
N HIS A 245 2.92 -19.62 -13.80
CA HIS A 245 1.90 -19.16 -14.73
C HIS A 245 2.40 -17.80 -15.22
N LEU A 246 3.12 -17.81 -16.36
CA LEU A 246 3.79 -16.63 -16.88
C LEU A 246 3.09 -16.20 -18.12
N GLN A 247 2.60 -14.96 -18.16
CA GLN A 247 1.72 -14.49 -19.23
C GLN A 247 0.58 -15.50 -19.49
N PRO A 248 -0.14 -15.95 -18.44
CA PRO A 248 -1.14 -17.00 -18.63
C PRO A 248 -2.29 -16.62 -19.54
N SER A 249 -2.56 -15.33 -19.73
CA SER A 249 -3.64 -14.97 -20.68
C SER A 249 -3.19 -15.15 -22.12
N GLY A 250 -1.89 -15.26 -22.36
CA GLY A 250 -1.37 -15.41 -23.71
C GLY A 250 -1.11 -14.14 -24.48
N ARG A 251 -1.74 -13.02 -24.12
CA ARG A 251 -1.56 -11.77 -24.85
C ARG A 251 -2.04 -10.65 -23.96
N PHE A 252 -1.23 -9.60 -23.81
CA PHE A 252 -1.52 -8.47 -22.93
C PHE A 252 -0.86 -7.24 -23.57
N VAL A 253 -1.35 -6.87 -24.75
CA VAL A 253 -0.87 -5.69 -25.46
C VAL A 253 -1.66 -4.47 -25.00
N ILE A 254 -2.98 -4.60 -24.95
CA ILE A 254 -3.85 -3.57 -24.41
C ILE A 254 -3.71 -3.64 -22.91
N GLY A 255 -3.44 -2.51 -22.28
CA GLY A 255 -3.25 -2.47 -20.83
C GLY A 255 -3.41 -1.08 -20.30
N GLY A 256 -3.04 -0.88 -19.04
CA GLY A 256 -3.28 0.38 -18.38
C GLY A 256 -4.78 0.67 -18.33
N PRO A 257 -5.12 1.95 -18.20
CA PRO A 257 -6.56 2.33 -18.13
C PRO A 257 -7.37 1.92 -19.35
N GLN A 258 -6.71 1.77 -20.50
CA GLN A 258 -7.41 1.31 -21.69
C GLN A 258 -7.95 -0.11 -21.51
N GLY A 259 -7.21 -0.96 -20.83
CA GLY A 259 -7.64 -2.34 -20.63
C GLY A 259 -8.62 -2.53 -19.48
N ASP A 260 -8.61 -1.61 -18.51
CA ASP A 260 -9.40 -1.78 -17.28
C ASP A 260 -9.46 -0.46 -16.55
N ALA A 261 -10.67 -0.01 -16.22
CA ALA A 261 -10.81 1.23 -15.46
C ALA A 261 -10.18 1.10 -14.09
N GLY A 262 -9.45 2.12 -13.67
CA GLY A 262 -8.83 2.15 -12.36
C GLY A 262 -9.50 3.18 -11.46
N LEU A 263 -9.45 2.91 -10.16
CA LEU A 263 -9.98 3.81 -9.16
C LEU A 263 -9.06 3.85 -7.97
N THR A 264 -9.01 4.97 -7.26
CA THR A 264 -8.24 5.04 -6.01
C THR A 264 -8.86 4.08 -4.98
N GLY A 265 -8.01 3.42 -4.21
CA GLY A 265 -8.47 2.61 -3.09
C GLY A 265 -9.10 1.30 -3.45
N ARG A 266 -8.68 0.73 -4.59
CA ARG A 266 -9.12 -0.58 -5.06
C ARG A 266 -8.00 -1.63 -4.96
N LYS A 267 -6.92 -1.33 -4.26
CA LYS A 267 -5.83 -2.26 -4.04
C LYS A 267 -5.45 -2.26 -2.56
N ILE A 268 -6.46 -2.25 -1.67
CA ILE A 268 -6.18 -2.04 -0.26
C ILE A 268 -5.48 -3.20 0.41
N ILE A 269 -5.62 -4.40 -0.15
CA ILE A 269 -4.96 -5.59 0.38
C ILE A 269 -3.53 -5.66 -0.12
N VAL A 270 -3.29 -5.27 -1.39
CA VAL A 270 -1.93 -5.08 -1.90
C VAL A 270 -1.20 -4.02 -1.10
N ASP A 271 -1.91 -2.96 -0.67
CA ASP A 271 -1.29 -1.86 0.05
C ASP A 271 -0.83 -2.23 1.45
N THR A 272 -1.37 -3.32 2.00
CA THR A 272 -1.20 -3.66 3.40
C THR A 272 -0.44 -4.96 3.55
N TYR A 273 -1.12 -6.08 3.80
CA TYR A 273 -0.45 -7.33 4.18
C TYR A 273 -0.72 -8.49 3.24
N GLY A 274 -1.27 -8.25 2.06
CA GLY A 274 -1.49 -9.33 1.12
C GLY A 274 -2.46 -10.39 1.60
N GLY A 275 -3.38 -9.98 2.46
CA GLY A 275 -4.42 -10.87 2.95
C GLY A 275 -4.18 -11.37 4.36
N TRP A 276 -2.92 -11.33 4.80
CA TRP A 276 -2.58 -11.69 6.16
C TRP A 276 -3.13 -10.64 7.13
N GLY A 277 -3.13 -10.94 8.42
CA GLY A 277 -3.62 -9.98 9.39
C GLY A 277 -5.11 -9.76 9.21
N ALA A 278 -5.51 -8.51 8.94
CA ALA A 278 -6.90 -8.14 8.74
C ALA A 278 -6.96 -6.75 8.15
N HIS A 279 -8.13 -6.36 7.64
CA HIS A 279 -8.28 -5.04 7.06
C HIS A 279 -9.66 -4.49 7.43
N GLY A 280 -9.70 -3.19 7.75
CA GLY A 280 -10.96 -2.54 8.08
C GLY A 280 -11.72 -1.92 6.94
N GLY A 281 -11.15 -1.92 5.73
CA GLY A 281 -11.84 -1.46 4.53
C GLY A 281 -11.45 -0.11 3.99
N GLY A 282 -10.78 0.70 4.79
CA GLY A 282 -10.43 2.05 4.36
C GLY A 282 -9.25 2.12 3.44
N ALA A 283 -9.34 2.98 2.46
CA ALA A 283 -8.24 3.21 1.51
C ALA A 283 -7.30 4.25 2.07
N PHE A 284 -6.05 4.24 1.65
CA PHE A 284 -5.06 5.20 2.14
C PHE A 284 -4.88 6.42 1.27
N SER A 285 -4.75 6.22 -0.06
CA SER A 285 -4.26 7.30 -0.89
C SER A 285 -5.22 8.46 -1.05
N GLY A 286 -4.65 9.66 -1.16
CA GLY A 286 -5.42 10.87 -1.37
C GLY A 286 -6.00 11.49 -0.12
N LYS A 287 -5.56 11.03 1.06
CA LYS A 287 -6.12 11.49 2.33
C LYS A 287 -5.07 12.05 3.26
N ASP A 288 -5.37 13.20 3.87
CA ASP A 288 -4.52 13.78 4.91
C ASP A 288 -4.67 13.04 6.24
N TYR A 289 -3.84 13.40 7.22
CA TYR A 289 -3.76 12.68 8.49
C TYR A 289 -5.05 12.61 9.27
N THR A 290 -5.94 13.60 9.10
CA THR A 290 -7.18 13.54 9.88
C THR A 290 -8.07 12.37 9.47
N LYS A 291 -7.84 11.79 8.29
CA LYS A 291 -8.59 10.62 7.87
C LYS A 291 -7.90 9.41 8.48
N VAL A 292 -8.49 8.90 9.56
CA VAL A 292 -7.94 7.79 10.33
C VAL A 292 -7.83 6.52 9.54
N ASP A 293 -8.54 6.38 8.41
CA ASP A 293 -8.33 5.20 7.54
C ASP A 293 -6.84 5.00 7.23
N ARG A 294 -6.14 6.12 7.05
CA ARG A 294 -4.72 6.07 6.79
C ARG A 294 -3.90 6.20 8.10
N SER A 295 -4.04 7.31 8.82
CA SER A 295 -3.18 7.54 9.97
C SER A 295 -3.30 6.48 11.05
N ALA A 296 -4.51 6.00 11.32
CA ALA A 296 -4.62 4.97 12.38
C ALA A 296 -4.13 3.63 11.91
N ALA A 297 -4.26 3.33 10.61
CA ALA A 297 -3.69 2.07 10.09
C ALA A 297 -2.16 2.14 10.14
N TYR A 298 -1.59 3.32 9.85
CA TYR A 298 -0.13 3.45 9.96
C TYR A 298 0.30 3.30 11.43
N ALA A 299 -0.44 3.94 12.34
CA ALA A 299 -0.10 3.82 13.77
C ALA A 299 -0.29 2.37 14.24
N ALA A 300 -1.33 1.67 13.76
CA ALA A 300 -1.52 0.28 14.17
C ALA A 300 -0.39 -0.60 13.67
N ARG A 301 0.10 -0.36 12.46
CA ARG A 301 1.28 -1.08 11.96
C ARG A 301 2.47 -0.79 12.88
N TRP A 302 2.65 0.47 13.24
CA TRP A 302 3.74 0.90 14.10
C TRP A 302 3.68 0.17 15.45
N VAL A 303 2.49 0.08 16.03
CA VAL A 303 2.32 -0.68 17.27
C VAL A 303 2.68 -2.14 17.07
N ALA A 304 2.12 -2.78 16.04
CA ALA A 304 2.37 -4.20 15.81
C ALA A 304 3.84 -4.49 15.59
N LYS A 305 4.50 -3.69 14.75
CA LYS A 305 5.91 -3.85 14.51
C LYS A 305 6.72 -3.63 15.77
N SER A 306 6.34 -2.67 16.60
CA SER A 306 7.04 -2.42 17.86
C SER A 306 6.89 -3.61 18.81
N LEU A 307 5.73 -4.27 18.83
CA LEU A 307 5.55 -5.42 19.70
C LEU A 307 6.43 -6.58 19.24
N VAL A 308 6.55 -6.80 17.94
CA VAL A 308 7.39 -7.89 17.42
C VAL A 308 8.87 -7.57 17.58
N LYS A 309 9.31 -6.38 17.17
CA LYS A 309 10.72 -5.99 17.32
C LYS A 309 11.14 -5.86 18.77
N GLY A 310 10.20 -5.58 19.64
CA GLY A 310 10.45 -5.51 21.07
C GLY A 310 10.52 -6.87 21.75
N GLY A 311 10.30 -7.94 20.98
CA GLY A 311 10.38 -9.31 21.48
C GLY A 311 9.21 -9.77 22.31
N LEU A 312 8.09 -9.04 22.26
CA LEU A 312 6.90 -9.42 23.02
C LEU A 312 6.06 -10.47 22.31
N CYS A 313 6.24 -10.61 21.01
N CYS A 313 6.00 -10.38 20.95
CA CYS A 313 5.51 -11.62 20.27
CA CYS A 313 5.24 -11.26 20.05
C CYS A 313 6.22 -11.84 18.98
C CYS A 313 6.10 -11.70 18.89
N ARG A 314 5.78 -12.86 18.29
CA ARG A 314 6.36 -13.20 17.00
C ARG A 314 5.39 -12.82 15.86
N ARG A 315 4.09 -12.72 16.16
CA ARG A 315 3.05 -12.45 15.18
C ARG A 315 1.94 -11.76 15.94
N VAL A 316 1.42 -10.64 15.44
CA VAL A 316 0.42 -9.90 16.20
C VAL A 316 -0.48 -9.09 15.30
N LEU A 317 -1.74 -8.99 15.70
CA LEU A 317 -2.80 -8.24 15.04
C LEU A 317 -3.35 -7.25 16.04
N VAL A 318 -3.52 -5.99 15.62
CA VAL A 318 -4.05 -4.93 16.43
C VAL A 318 -5.27 -4.35 15.72
N GLN A 319 -6.42 -4.23 16.40
CA GLN A 319 -7.56 -3.53 15.85
C GLN A 319 -7.77 -2.26 16.65
N VAL A 320 -8.10 -1.17 15.97
CA VAL A 320 -8.53 0.07 16.58
C VAL A 320 -9.79 0.52 15.84
N SER A 321 -10.59 1.38 16.48
CA SER A 321 -11.76 1.94 15.80
C SER A 321 -12.04 3.33 16.33
N TYR A 322 -12.75 4.12 15.54
CA TYR A 322 -13.03 5.51 15.83
C TYR A 322 -14.47 5.88 15.50
N ALA A 323 -14.90 7.03 16.05
CA ALA A 323 -16.15 7.68 15.65
C ALA A 323 -15.77 9.05 15.11
N ILE A 324 -16.46 9.52 14.05
CA ILE A 324 -16.19 10.86 13.52
C ILE A 324 -16.37 11.90 14.64
N GLY A 325 -15.42 12.81 14.73
CA GLY A 325 -15.47 13.87 15.70
C GLY A 325 -14.93 13.54 17.07
N VAL A 326 -14.57 12.28 17.33
CA VAL A 326 -14.10 11.84 18.63
C VAL A 326 -12.60 11.52 18.50
N SER A 327 -11.78 12.05 19.41
CA SER A 327 -10.32 11.86 19.28
C SER A 327 -9.83 10.48 19.67
N HIS A 328 -10.20 10.00 20.86
CA HIS A 328 -9.70 8.71 21.30
C HIS A 328 -10.35 7.57 20.57
N PRO A 329 -9.61 6.49 20.31
CA PRO A 329 -10.23 5.30 19.74
C PRO A 329 -11.37 4.78 20.62
N LEU A 330 -12.39 4.22 20.00
CA LEU A 330 -13.52 3.61 20.69
C LEU A 330 -13.16 2.26 21.24
N SER A 331 -12.28 1.53 20.56
CA SER A 331 -11.89 0.18 20.94
C SER A 331 -10.48 -0.07 20.50
N ILE A 332 -9.79 -0.93 21.25
CA ILE A 332 -8.45 -1.42 20.91
C ILE A 332 -8.41 -2.88 21.28
N SER A 333 -7.91 -3.71 20.38
CA SER A 333 -7.81 -5.15 20.60
C SER A 333 -6.49 -5.64 20.08
N ILE A 334 -5.94 -6.66 20.76
CA ILE A 334 -4.67 -7.25 20.36
C ILE A 334 -4.78 -8.76 20.37
N PHE A 335 -4.36 -9.41 19.29
CA PHE A 335 -4.36 -10.85 19.18
C PHE A 335 -2.94 -11.26 18.82
N HIS A 336 -2.35 -12.13 19.64
CA HIS A 336 -0.96 -12.51 19.45
C HIS A 336 -0.76 -13.91 18.88
N TYR A 337 -1.84 -14.56 18.41
CA TYR A 337 -1.74 -15.86 17.74
C TYR A 337 -1.09 -16.93 18.61
N GLY A 338 -1.02 -16.73 19.91
CA GLY A 338 -0.33 -17.68 20.79
C GLY A 338 1.18 -17.50 20.81
N THR A 339 1.69 -16.37 20.32
CA THR A 339 3.13 -16.13 20.22
C THR A 339 3.72 -15.24 21.28
N SER A 340 2.95 -14.89 22.30
CA SER A 340 3.46 -14.09 23.42
C SER A 340 3.25 -14.83 24.71
N GLN A 341 4.15 -14.63 25.66
CA GLN A 341 3.98 -15.12 27.03
C GLN A 341 3.02 -14.18 27.79
N LYS A 342 2.79 -12.95 27.29
CA LYS A 342 1.87 -12.02 27.93
C LYS A 342 0.45 -12.23 27.43
N SER A 343 -0.53 -11.95 28.29
CA SER A 343 -1.93 -12.04 27.89
C SER A 343 -2.30 -10.84 26.99
N GLU A 344 -3.50 -10.88 26.34
CA GLU A 344 -4.00 -9.73 25.56
C GLU A 344 -4.15 -8.53 26.48
N ARG A 345 -4.63 -8.75 27.72
CA ARG A 345 -4.77 -7.66 28.70
C ARG A 345 -3.43 -7.00 28.98
N GLU A 346 -2.37 -7.79 29.19
CA GLU A 346 -1.05 -7.25 29.45
C GLU A 346 -0.50 -6.48 28.26
N LEU A 347 -0.70 -7.01 27.04
CA LEU A 347 -0.23 -6.28 25.84
C LEU A 347 -0.99 -4.98 25.66
N LEU A 348 -2.30 -4.99 25.93
CA LEU A 348 -3.10 -3.78 25.84
C LEU A 348 -2.61 -2.73 26.81
N GLU A 349 -2.22 -3.14 28.03
CA GLU A 349 -1.70 -2.22 29.01
C GLU A 349 -0.37 -1.62 28.54
N ILE A 350 0.50 -2.44 27.94
CA ILE A 350 1.76 -1.94 27.40
C ILE A 350 1.50 -0.93 26.29
N VAL A 351 0.55 -1.24 25.41
CA VAL A 351 0.22 -0.30 24.34
C VAL A 351 -0.34 1.02 24.90
N LYS A 352 -1.21 0.94 25.91
CA LYS A 352 -1.76 2.14 26.55
C LYS A 352 -0.68 3.01 27.17
N LYS A 353 0.32 2.38 27.78
CA LYS A 353 1.41 3.13 28.41
C LYS A 353 2.38 3.72 27.41
N ASN A 354 2.44 3.20 26.17
CA ASN A 354 3.44 3.61 25.22
C ASN A 354 2.96 4.36 24.01
N PHE A 355 1.67 4.28 23.68
CA PHE A 355 1.16 4.92 22.47
C PHE A 355 -0.06 5.74 22.77
N ASP A 356 -0.25 6.83 22.02
CA ASP A 356 -1.43 7.68 22.11
C ASP A 356 -1.98 7.68 20.69
N LEU A 357 -3.12 7.04 20.52
CA LEU A 357 -3.68 6.80 19.20
C LEU A 357 -4.76 7.82 18.79
N ARG A 358 -4.73 8.99 19.42
CA ARG A 358 -5.54 10.10 18.93
C ARG A 358 -4.89 10.58 17.60
N PRO A 359 -5.68 10.90 16.57
CA PRO A 359 -5.06 11.34 15.30
C PRO A 359 -4.17 12.57 15.45
N GLY A 360 -4.53 13.47 16.36
CA GLY A 360 -3.75 14.68 16.61
C GLY A 360 -2.45 14.44 17.34
N VAL A 361 -2.22 13.22 17.82
CA VAL A 361 -0.94 12.85 18.40
C VAL A 361 -0.20 11.95 17.40
N ILE A 362 -0.90 11.02 16.71
CA ILE A 362 -0.27 10.21 15.65
C ILE A 362 0.42 11.13 14.63
N VAL A 363 -0.21 12.25 14.27
CA VAL A 363 0.39 13.16 13.28
C VAL A 363 1.78 13.63 13.69
N ARG A 364 1.95 13.89 14.97
CA ARG A 364 3.23 14.33 15.50
C ARG A 364 4.22 13.17 15.55
N ASP A 365 3.80 12.03 16.08
CA ASP A 365 4.70 10.88 16.19
C ASP A 365 5.17 10.37 14.85
N LEU A 366 4.31 10.35 13.86
CA LEU A 366 4.62 9.80 12.55
C LEU A 366 4.91 10.86 11.48
N ASP A 367 4.93 12.14 11.87
CA ASP A 367 5.26 13.26 10.98
C ASP A 367 4.38 13.27 9.74
N LEU A 368 3.07 13.15 9.96
CA LEU A 368 2.15 12.91 8.85
C LEU A 368 1.73 14.14 8.05
N LYS A 369 2.30 15.31 8.34
CA LYS A 369 2.11 16.45 7.44
C LYS A 369 3.21 16.50 6.35
N LYS A 370 4.22 15.62 6.43
CA LYS A 370 5.29 15.62 5.45
C LYS A 370 4.81 15.06 4.12
N PRO A 371 5.21 15.70 3.00
CA PRO A 371 4.74 15.24 1.69
C PRO A 371 5.53 14.05 1.15
N ILE A 372 5.40 12.90 1.80
CA ILE A 372 6.07 11.68 1.36
C ILE A 372 5.09 10.64 0.85
N TYR A 373 3.83 11.01 0.64
CA TYR A 373 2.81 10.05 0.37
C TYR A 373 2.87 9.40 -0.97
N GLN A 374 3.29 10.12 -2.02
CA GLN A 374 3.38 9.43 -3.33
C GLN A 374 4.33 8.22 -3.28
N ARG A 375 5.36 8.31 -2.42
CA ARG A 375 6.29 7.20 -2.28
C ARG A 375 5.64 5.96 -1.68
N THR A 376 4.54 6.11 -0.93
CA THR A 376 3.87 4.97 -0.33
C THR A 376 2.93 4.26 -1.27
N ALA A 377 2.55 4.90 -2.39
CA ALA A 377 1.42 4.50 -3.20
C ALA A 377 1.64 3.38 -4.23
N ALA A 378 2.84 2.81 -4.26
CA ALA A 378 3.10 1.59 -5.01
C ALA A 378 4.04 0.73 -4.16
N TYR A 379 3.93 -0.59 -4.31
CA TYR A 379 4.79 -1.58 -3.64
C TYR A 379 4.52 -1.72 -2.15
N GLY A 380 3.34 -1.31 -1.71
CA GLY A 380 2.93 -1.48 -0.33
C GLY A 380 3.32 -0.32 0.55
N HIS A 381 2.48 -0.04 1.55
CA HIS A 381 2.76 1.06 2.48
C HIS A 381 3.66 0.63 3.63
N PHE A 382 3.81 -0.68 3.82
CA PHE A 382 4.50 -1.27 4.96
C PHE A 382 5.68 -2.10 4.53
N GLY A 383 6.62 -2.23 5.44
CA GLY A 383 7.80 -3.05 5.28
C GLY A 383 8.92 -2.50 4.43
N ARG A 384 8.87 -1.20 4.13
CA ARG A 384 9.85 -0.58 3.24
C ARG A 384 10.33 0.76 3.73
N ASP A 385 11.58 1.09 3.40
CA ASP A 385 12.16 2.44 3.41
C ASP A 385 12.18 3.19 4.71
N SER A 386 12.01 2.50 5.82
CA SER A 386 12.12 3.11 7.14
C SER A 386 11.30 4.38 7.29
N PHE A 387 10.05 4.36 6.77
CA PHE A 387 9.04 5.41 7.03
C PHE A 387 8.83 5.45 8.56
N PRO A 388 8.30 6.52 9.14
CA PRO A 388 8.20 6.57 10.61
C PRO A 388 7.46 5.42 11.25
N TRP A 389 6.41 4.90 10.59
CA TRP A 389 5.64 3.79 11.14
C TRP A 389 6.38 2.45 11.07
N GLU A 390 7.53 2.42 10.39
CA GLU A 390 8.39 1.24 10.28
C GLU A 390 9.57 1.29 11.26
N VAL A 391 9.72 2.36 12.03
CA VAL A 391 10.82 2.47 12.98
C VAL A 391 10.20 2.13 14.32
N PRO A 392 10.53 0.98 14.90
CA PRO A 392 9.84 0.57 16.14
C PRO A 392 10.04 1.52 17.28
N LYS A 393 9.05 1.66 18.12
CA LYS A 393 9.18 2.43 19.35
C LYS A 393 9.75 1.52 20.42
N LYS A 394 10.74 2.01 21.18
CA LYS A 394 11.29 1.30 22.34
C LYS A 394 10.25 1.33 23.43
N LEU A 395 9.80 0.16 23.85
CA LEU A 395 8.69 0.08 24.80
C LEU A 395 9.15 0.07 26.24
N LYS A 396 8.43 0.79 27.08
CA LYS A 396 8.70 0.86 28.51
C LYS A 396 7.60 0.12 29.26
N TYR A 397 7.98 -0.88 30.08
CA TYR A 397 7.05 -1.69 30.87
C TYR A 397 7.74 -2.43 32.01
C1 U8E B . -0.09 -22.23 13.73
C2 U8E B . -1.27 -22.90 13.48
C3 U8E B . -2.04 -22.56 12.37
C7 U8E B . -2.46 -21.19 10.31
C8 U8E B . -2.87 -22.17 9.47
C9 U8E B . -3.63 -21.85 8.33
C10 U8E B . -4.76 -20.59 6.87
C11 U8E B . -5.42 -19.48 6.11
C12 U8E B . -5.30 -19.39 4.62
C13 U8E B . -6.59 -19.80 5.23
C14 U8E B . -4.01 -20.54 8.06
C15 U8E B . -2.80 -19.80 10.08
C16 U8E B . -3.91 -18.17 8.69
C19 U8E B . -4.52 -15.52 8.25
C20 U8E B . -5.92 -13.80 7.40
C21 U8E B . -3.41 -16.07 7.65
C22 U8E B . -3.11 -17.40 7.88
F1 U8E B . -6.16 -14.58 6.34
F U8E B . -6.96 -13.96 8.26
O2 U8E B . -4.74 -14.18 7.99
C18 U8E B . -5.33 -16.28 9.07
C17 U8E B . -5.03 -17.61 9.30
N2 U8E B . -3.58 -19.55 8.93
N1 U8E B . -4.86 -21.85 6.46
N U8E B . -4.17 -22.60 7.35
O1 U8E B . -2.46 -18.87 10.80
C4 U8E B . -1.63 -21.55 11.50
C5 U8E B . -0.44 -20.89 11.77
C6 U8E B . 0.34 -21.22 12.86
O U8E B . 0.70 -22.53 14.81
C U8E B . 0.25 -23.56 15.69
N SAM C . -12.19 -5.22 -16.28
CA SAM C . -11.61 -6.43 -16.93
C SAM C . -12.55 -7.05 -17.97
O SAM C . -12.65 -8.26 -18.12
OXT SAM C . -13.18 -6.18 -18.70
CB SAM C . -11.25 -7.47 -15.86
CG SAM C . -10.10 -7.00 -14.97
SD SAM C . -8.48 -6.95 -15.84
CE SAM C . -8.13 -8.66 -16.16
C5' SAM C . -7.66 -6.57 -14.32
C4' SAM C . -6.18 -6.27 -14.41
O4' SAM C . -5.54 -7.36 -15.10
C3' SAM C . -5.84 -5.04 -15.25
O3' SAM C . -5.87 -3.87 -14.45
C2' SAM C . -4.40 -5.37 -15.69
O2' SAM C . -3.48 -5.19 -14.63
C1' SAM C . -4.52 -6.87 -15.95
N9 SAM C . -4.83 -7.21 -17.33
C8 SAM C . -5.43 -6.44 -18.30
N7 SAM C . -5.46 -7.00 -19.49
C5 SAM C . -4.84 -8.23 -19.28
C6 SAM C . -4.50 -9.27 -20.16
N6 SAM C . -4.78 -9.26 -21.47
N1 SAM C . -3.83 -10.33 -19.65
C2 SAM C . -3.54 -10.34 -18.34
N3 SAM C . -3.81 -9.42 -17.42
C4 SAM C . -4.44 -8.37 -17.97
#